data_5FBG
#
_entry.id   5FBG
#
_cell.length_a   106.760
_cell.length_b   106.760
_cell.length_c   127.910
_cell.angle_alpha   90.00
_cell.angle_beta   90.00
_cell.angle_gamma   120.00
#
_symmetry.space_group_name_H-M   'P 31 2 1'
#
loop_
_entity.id
_entity.type
_entity.pdbx_description
1 polymer 'Nuclease S1'
2 non-polymer 'ZINC ION'
3 non-polymer 2-acetamido-2-deoxy-beta-D-glucopyranose
4 non-polymer 'PHOSPHATE ION'
5 non-polymer "2'-DEOXYCYTIDINE"
6 non-polymer "2'-DEOXY-GUANOSINE"
7 water water
#
_entity_poly.entity_id   1
_entity_poly.type   'polypeptide(L)'
_entity_poly.pdbx_seq_one_letter_code
;WGNLGHETVAYIAQSFVASSTESFCQNILGDDSTSYLANVATWANTYKYTDAGEFSKPYHFIDAQDNPPQSCGVDYDRDC
GSAGCSISAIQNYTNILLESPNGSEALNALKFVVHIIGDIHQPLHDENLEAGGNGIDVTYDGETTNLHHIWDTNMPEEAA
GGYSLSVAKTYADLLTERIKTGTYSSKKDSWTDGIDIKDPVSTSMIWAADANTYVCSTVLDDGLAYINSTDLSGEYYDKS
QPVFEELIAKAGYRLAAWLDLIASQPS
;
_entity_poly.pdbx_strand_id   A,B
#
# COMPACT_ATOMS: atom_id res chain seq x y z
N TRP A 1 -5.29 2.13 12.00
CA TRP A 1 -5.59 3.46 11.56
C TRP A 1 -5.53 3.52 10.04
N GLY A 2 -6.18 4.55 9.51
CA GLY A 2 -5.97 4.97 8.13
C GLY A 2 -4.65 5.76 8.02
N ASN A 3 -4.41 6.30 6.84
CA ASN A 3 -3.11 6.96 6.55
C ASN A 3 -2.83 8.14 7.45
N LEU A 4 -3.82 8.99 7.67
CA LEU A 4 -3.66 10.14 8.52
C LEU A 4 -3.19 9.73 9.94
N GLY A 5 -3.88 8.75 10.52
CA GLY A 5 -3.50 8.27 11.86
C GLY A 5 -2.09 7.75 11.92
N HIS A 6 -1.71 6.89 10.98
CA HIS A 6 -0.36 6.35 10.94
C HIS A 6 0.71 7.43 10.76
N GLU A 7 0.42 8.40 9.92
CA GLU A 7 1.41 9.47 9.63
C GLU A 7 1.54 10.40 10.85
N THR A 8 0.42 10.65 11.51
CA THR A 8 0.42 11.38 12.78
C THR A 8 1.26 10.69 13.83
N VAL A 9 1.01 9.37 14.04
CA VAL A 9 1.78 8.63 15.00
C VAL A 9 3.29 8.80 14.68
N ALA A 10 3.63 8.64 13.42
CA ALA A 10 5.04 8.66 12.98
C ALA A 10 5.68 10.07 13.21
N TYR A 11 4.93 11.13 12.92
CA TYR A 11 5.48 12.49 13.13
C TYR A 11 5.68 12.77 14.63
N ILE A 12 4.78 12.25 15.46
CA ILE A 12 4.96 12.38 16.91
C ILE A 12 6.25 11.66 17.33
N ALA A 13 6.41 10.44 16.88
CA ALA A 13 7.64 9.72 17.19
C ALA A 13 8.87 10.49 16.76
N GLN A 14 8.86 11.03 15.53
CA GLN A 14 10.02 11.85 15.05
C GLN A 14 10.34 13.01 15.99
N SER A 15 9.32 13.63 16.58
CA SER A 15 9.52 14.69 17.57
C SER A 15 10.13 14.25 18.92
N PHE A 16 10.13 12.97 19.25
CA PHE A 16 10.64 12.52 20.54
C PHE A 16 11.89 11.67 20.50
N VAL A 17 12.27 11.11 19.34
CA VAL A 17 13.45 10.24 19.30
C VAL A 17 14.71 11.09 19.46
N ALA A 18 15.77 10.46 19.95
CA ALA A 18 17.10 11.05 20.02
C ALA A 18 17.69 11.22 18.58
N SER A 19 18.67 12.13 18.46
CA SER A 19 19.25 12.41 17.17
C SER A 19 19.93 11.18 16.60
N SER A 20 20.57 10.38 17.45
CA SER A 20 21.21 9.19 16.96
C SER A 20 20.17 8.13 16.47
N THR A 21 18.99 8.14 17.10
CA THR A 21 17.89 7.23 16.72
C THR A 21 17.37 7.66 15.33
N GLU A 22 17.21 8.96 15.16
CA GLU A 22 16.86 9.54 13.86
C GLU A 22 17.79 9.08 12.76
N SER A 23 19.09 9.17 12.98
CA SER A 23 20.05 8.73 11.98
C SER A 23 20.00 7.29 11.73
N PHE A 24 19.91 6.52 12.80
CA PHE A 24 19.75 5.05 12.71
C PHE A 24 18.55 4.64 11.78
N CYS A 25 17.41 5.28 11.98
CA CYS A 25 16.22 5.04 11.15
C CYS A 25 16.39 5.53 9.68
N GLN A 26 16.84 6.76 9.49
CA GLN A 26 17.07 7.31 8.16
C GLN A 26 18.01 6.41 7.35
N ASN A 27 19.08 5.92 7.98
CA ASN A 27 19.99 4.99 7.26
C ASN A 27 19.27 3.70 6.84
N ILE A 28 18.51 3.11 7.77
CA ILE A 28 17.83 1.83 7.48
C ILE A 28 16.81 2.04 6.35
N LEU A 29 16.09 3.16 6.41
CA LEU A 29 15.02 3.45 5.46
C LEU A 29 15.47 3.98 4.12
N GLY A 30 16.71 4.44 4.06
CA GLY A 30 17.20 5.17 2.90
C GLY A 30 16.36 6.38 2.59
N ASP A 31 15.99 7.09 3.64
CA ASP A 31 15.15 8.30 3.50
C ASP A 31 15.63 9.26 4.57
N ASP A 32 16.25 10.36 4.15
CA ASP A 32 16.70 11.32 5.17
C ASP A 32 15.92 12.60 5.11
N SER A 33 14.73 12.53 4.59
CA SER A 33 13.85 13.70 4.67
C SER A 33 13.38 14.00 6.10
N THR A 34 12.74 15.14 6.25
CA THR A 34 12.11 15.51 7.51
C THR A 34 10.76 14.77 7.70
N SER A 35 10.41 13.86 6.78
CA SER A 35 9.22 13.02 6.95
C SER A 35 9.58 11.56 6.93
N TYR A 36 10.81 11.26 7.23
CA TYR A 36 11.31 9.89 7.10
C TYR A 36 10.39 8.74 7.69
N LEU A 37 9.88 8.90 8.93
CA LEU A 37 9.00 7.88 9.51
C LEU A 37 7.61 7.95 8.90
N ALA A 38 7.12 9.17 8.73
CA ALA A 38 5.78 9.37 8.20
C ALA A 38 5.62 8.88 6.75
N ASN A 39 6.70 8.93 5.99
CA ASN A 39 6.72 8.47 4.60
C ASN A 39 6.53 6.96 4.43
N VAL A 40 6.86 6.19 5.48
CA VAL A 40 6.83 4.73 5.43
C VAL A 40 5.77 4.14 6.39
N ALA A 41 5.00 5.01 7.02
CA ALA A 41 4.09 4.60 8.10
C ALA A 41 2.88 3.77 7.61
N THR A 42 2.59 3.83 6.31
CA THR A 42 1.52 3.05 5.74
C THR A 42 2.00 1.84 4.97
N TRP A 43 3.33 1.69 4.84
CA TRP A 43 3.85 0.65 4.01
C TRP A 43 3.28 -0.73 4.30
N ALA A 44 3.16 -1.07 5.58
CA ALA A 44 2.73 -2.42 5.94
C ALA A 44 1.37 -2.74 5.36
N ASN A 45 0.51 -1.70 5.30
CA ASN A 45 -0.75 -1.85 4.63
C ASN A 45 -0.59 -2.13 3.15
N THR A 46 0.21 -1.31 2.50
CA THR A 46 0.51 -1.55 1.10
C THR A 46 0.98 -2.97 0.84
N TYR A 47 1.92 -3.39 1.66
CA TYR A 47 2.60 -4.68 1.49
C TYR A 47 1.66 -5.90 1.67
N LYS A 48 0.75 -5.79 2.62
CA LYS A 48 -0.16 -6.92 2.92
C LYS A 48 -1.09 -7.28 1.71
N TYR A 49 -1.28 -6.33 0.78
CA TYR A 49 -2.06 -6.53 -0.42
C TYR A 49 -1.29 -7.00 -1.67
N THR A 50 0.01 -7.25 -1.49
CA THR A 50 0.86 -7.77 -2.54
C THR A 50 0.96 -9.31 -2.42
N ASP A 51 1.41 -9.93 -3.50
CA ASP A 51 1.68 -11.34 -3.48
C ASP A 51 2.66 -11.76 -2.34
N ALA A 52 3.78 -11.11 -2.27
CA ALA A 52 4.80 -11.46 -1.28
C ALA A 52 4.35 -11.19 0.17
N GLY A 53 3.50 -10.20 0.36
CA GLY A 53 3.15 -9.75 1.70
C GLY A 53 1.82 -10.25 2.25
N GLU A 54 1.06 -11.03 1.46
CA GLU A 54 -0.26 -11.53 1.89
C GLU A 54 -0.22 -12.20 3.29
N PHE A 55 0.84 -12.96 3.54
CA PHE A 55 1.05 -13.66 4.79
C PHE A 55 1.02 -12.71 6.04
N SER A 56 1.28 -11.43 5.85
CA SER A 56 1.42 -10.47 6.94
C SER A 56 0.14 -9.75 7.34
N LYS A 57 -0.98 -10.01 6.63
CA LYS A 57 -2.25 -9.42 7.00
C LYS A 57 -2.64 -9.55 8.50
N PRO A 58 -2.50 -10.73 9.08
CA PRO A 58 -2.86 -10.92 10.51
C PRO A 58 -1.99 -10.14 11.52
N TYR A 59 -0.87 -9.59 11.05
CA TYR A 59 0.10 -8.89 11.90
C TYR A 59 -0.38 -7.51 12.31
N HIS A 60 -1.52 -7.08 11.80
CA HIS A 60 -2.03 -5.75 12.08
C HIS A 60 -2.95 -5.64 13.28
N PHE A 61 -3.28 -6.79 13.88
CA PHE A 61 -4.27 -6.81 14.97
C PHE A 61 -4.05 -8.01 15.87
N ILE A 62 -4.73 -7.99 17.00
CA ILE A 62 -4.83 -9.21 17.85
C ILE A 62 -6.33 -9.34 18.20
N ASP A 63 -6.90 -10.45 17.79
CA ASP A 63 -8.35 -10.65 17.92
C ASP A 63 -8.76 -11.12 19.34
N ALA A 64 -8.79 -10.15 20.24
CA ALA A 64 -9.06 -10.45 21.64
C ALA A 64 -10.47 -11.08 21.81
N GLN A 65 -10.50 -12.28 22.37
CA GLN A 65 -11.78 -13.05 22.56
C GLN A 65 -12.40 -12.75 23.94
N ASP A 66 -12.78 -11.50 24.12
CA ASP A 66 -13.27 -11.01 25.38
C ASP A 66 -14.79 -10.83 25.24
N ASN A 67 -15.39 -10.05 26.09
CA ASN A 67 -16.84 -9.98 26.21
C ASN A 67 -17.33 -8.53 26.29
N PRO A 68 -16.97 -7.67 25.28
CA PRO A 68 -17.36 -6.26 25.35
C PRO A 68 -18.83 -6.08 25.10
N PRO A 69 -19.42 -5.00 25.59
CA PRO A 69 -18.77 -3.97 26.33
C PRO A 69 -18.76 -4.22 27.85
N GLN A 70 -19.20 -5.39 28.29
CA GLN A 70 -19.19 -5.62 29.77
C GLN A 70 -17.80 -5.95 30.36
N SER A 71 -16.99 -6.69 29.61
CA SER A 71 -15.65 -6.93 30.04
C SER A 71 -14.67 -7.13 28.84
N CYS A 72 -13.51 -6.52 29.04
CA CYS A 72 -12.47 -6.47 28.05
C CYS A 72 -11.17 -7.09 28.61
N GLY A 73 -10.41 -7.70 27.72
CA GLY A 73 -9.13 -8.26 28.07
C GLY A 73 -8.48 -8.89 26.86
N VAL A 74 -7.14 -8.87 26.87
CA VAL A 74 -6.36 -9.49 25.85
C VAL A 74 -5.47 -10.53 26.51
N ASP A 75 -5.34 -11.67 25.86
CA ASP A 75 -4.57 -12.79 26.38
CA ASP A 75 -4.52 -12.74 26.36
C ASP A 75 -3.78 -13.33 25.20
N TYR A 76 -2.46 -13.24 25.28
CA TYR A 76 -1.60 -13.50 24.11
C TYR A 76 -1.75 -14.93 23.60
N ASP A 77 -1.67 -15.90 24.50
CA ASP A 77 -1.78 -17.32 24.08
C ASP A 77 -3.14 -17.66 23.54
N ARG A 78 -4.18 -17.05 24.12
CA ARG A 78 -5.52 -17.29 23.70
C ARG A 78 -5.85 -16.63 22.36
N ASP A 79 -5.28 -15.44 22.15
CA ASP A 79 -5.78 -14.53 21.09
C ASP A 79 -4.97 -14.35 19.84
N CYS A 80 -3.66 -14.61 19.92
CA CYS A 80 -2.78 -14.32 18.80
CA CYS A 80 -2.76 -14.33 18.79
C CYS A 80 -3.11 -15.18 17.60
N GLY A 81 -3.08 -16.48 17.81
CA GLY A 81 -3.45 -17.50 16.80
C GLY A 81 -2.20 -17.99 16.07
N SER A 82 -2.35 -19.08 15.33
CA SER A 82 -1.19 -19.69 14.68
C SER A 82 -0.69 -18.90 13.43
N ALA A 83 -1.49 -17.99 12.90
CA ALA A 83 -1.02 -17.12 11.80
C ALA A 83 -0.22 -15.87 12.24
N GLY A 84 -0.08 -15.68 13.53
CA GLY A 84 0.56 -14.50 14.08
C GLY A 84 -0.44 -13.34 14.29
N CYS A 85 0.07 -12.30 14.93
CA CYS A 85 -0.74 -11.17 15.30
C CYS A 85 0.21 -9.95 15.51
N SER A 86 -0.38 -8.82 15.84
CA SER A 86 0.38 -7.57 16.12
C SER A 86 1.50 -7.76 17.14
N ILE A 87 1.21 -8.55 18.16
CA ILE A 87 2.12 -8.80 19.24
C ILE A 87 3.26 -9.73 18.82
N SER A 88 2.96 -10.83 18.14
CA SER A 88 4.01 -11.73 17.67
C SER A 88 4.91 -11.03 16.59
N ALA A 89 4.30 -10.14 15.80
CA ALA A 89 5.02 -9.41 14.78
C ALA A 89 5.96 -8.35 15.39
N ILE A 90 5.51 -7.67 16.44
CA ILE A 90 6.38 -6.76 17.15
C ILE A 90 7.59 -7.54 17.70
N GLN A 91 7.37 -8.72 18.24
CA GLN A 91 8.46 -9.56 18.69
C GLN A 91 9.48 -9.89 17.56
N ASN A 92 8.96 -10.45 16.49
CA ASN A 92 9.75 -10.87 15.32
C ASN A 92 10.59 -9.72 14.72
N TYR A 93 9.92 -8.61 14.42
CA TYR A 93 10.58 -7.49 13.76
C TYR A 93 11.48 -6.71 14.67
N THR A 94 11.13 -6.63 15.96
CA THR A 94 12.03 -5.98 16.91
C THR A 94 13.32 -6.81 16.97
N ASN A 95 13.19 -8.13 17.11
CA ASN A 95 14.34 -8.99 17.23
C ASN A 95 15.24 -9.02 15.99
N ILE A 96 14.67 -8.97 14.79
CA ILE A 96 15.42 -8.69 13.57
C ILE A 96 16.24 -7.41 13.66
N LEU A 97 15.65 -6.33 14.12
CA LEU A 97 16.35 -5.09 14.26
C LEU A 97 17.46 -5.11 15.35
N LEU A 98 17.33 -6.02 16.34
CA LEU A 98 18.34 -6.21 17.37
C LEU A 98 19.48 -7.15 16.92
N GLU A 99 19.14 -8.20 16.18
CA GLU A 99 20.05 -9.22 15.77
C GLU A 99 20.80 -8.84 14.47
N SER A 100 20.16 -8.02 13.63
CA SER A 100 20.69 -7.71 12.31
C SER A 100 20.23 -6.31 11.84
N PRO A 101 20.61 -5.27 12.56
CA PRO A 101 20.20 -3.95 12.17
C PRO A 101 20.78 -3.45 10.85
N ASN A 102 21.86 -4.09 10.38
CA ASN A 102 22.46 -3.69 9.09
C ASN A 102 22.03 -4.57 7.94
N GLY A 103 21.31 -5.67 8.22
CA GLY A 103 21.03 -6.68 7.23
C GLY A 103 19.87 -6.30 6.32
N SER A 104 19.61 -7.19 5.38
CA SER A 104 18.62 -6.94 4.34
C SER A 104 17.16 -6.90 4.86
N GLU A 105 16.93 -7.52 6.01
CA GLU A 105 15.57 -7.60 6.57
C GLU A 105 15.24 -6.34 7.43
N ALA A 106 16.20 -5.47 7.70
CA ALA A 106 16.00 -4.37 8.66
C ALA A 106 15.04 -3.33 8.13
N LEU A 107 15.11 -3.04 6.81
CA LEU A 107 14.20 -2.12 6.20
C LEU A 107 12.71 -2.48 6.46
N ASN A 108 12.31 -3.69 6.09
CA ASN A 108 10.93 -4.07 6.26
C ASN A 108 10.56 -4.15 7.77
N ALA A 109 11.50 -4.65 8.57
CA ALA A 109 11.27 -4.77 10.03
C ALA A 109 10.98 -3.44 10.66
N LEU A 110 11.70 -2.39 10.25
CA LEU A 110 11.46 -1.08 10.75
C LEU A 110 10.14 -0.52 10.31
N LYS A 111 9.82 -0.68 9.03
CA LYS A 111 8.57 -0.20 8.53
C LYS A 111 7.38 -0.93 9.24
N PHE A 112 7.54 -2.21 9.47
CA PHE A 112 6.53 -2.99 10.26
C PHE A 112 6.33 -2.42 11.69
N VAL A 113 7.44 -2.17 12.40
CA VAL A 113 7.35 -1.64 13.78
C VAL A 113 6.63 -0.28 13.83
N VAL A 114 6.99 0.60 12.91
CA VAL A 114 6.39 1.91 12.85
C VAL A 114 4.85 1.84 12.65
N HIS A 115 4.44 0.98 11.72
CA HIS A 115 3.04 0.84 11.42
C HIS A 115 2.27 0.13 12.57
N ILE A 116 2.84 -0.97 13.05
CA ILE A 116 2.12 -1.88 13.93
C ILE A 116 1.99 -1.28 15.35
N ILE A 117 3.01 -0.55 15.83
CA ILE A 117 2.86 0.14 17.10
C ILE A 117 1.68 1.11 16.96
N GLY A 118 1.52 1.74 15.80
CA GLY A 118 0.34 2.58 15.55
C GLY A 118 -0.94 1.75 15.70
N ASP A 119 -1.02 0.67 14.94
CA ASP A 119 -2.26 -0.15 14.84
C ASP A 119 -2.71 -0.73 16.20
N ILE A 120 -1.73 -1.14 17.02
CA ILE A 120 -2.00 -1.63 18.38
C ILE A 120 -2.83 -0.65 19.18
N HIS A 121 -2.59 0.63 18.98
CA HIS A 121 -3.28 1.68 19.71
C HIS A 121 -4.69 2.05 19.22
N GLN A 122 -5.14 1.44 18.13
CA GLN A 122 -6.48 1.60 17.63
C GLN A 122 -7.30 0.49 18.32
N PRO A 123 -8.20 0.85 19.27
CA PRO A 123 -8.87 -0.18 20.12
C PRO A 123 -9.47 -1.35 19.37
N LEU A 124 -10.09 -1.11 18.20
CA LEU A 124 -10.67 -2.19 17.39
C LEU A 124 -9.67 -3.14 16.71
N HIS A 125 -8.38 -2.77 16.74
CA HIS A 125 -7.28 -3.72 16.38
C HIS A 125 -6.90 -4.63 17.51
N ASP A 126 -7.60 -4.51 18.65
CA ASP A 126 -7.37 -5.41 19.81
C ASP A 126 -8.72 -6.06 20.25
N GLU A 127 -9.51 -6.52 19.27
CA GLU A 127 -10.86 -7.00 19.51
C GLU A 127 -11.34 -7.95 18.40
N ASN A 128 -11.77 -9.14 18.80
CA ASN A 128 -12.23 -10.15 17.83
C ASN A 128 -13.55 -9.83 17.18
N LEU A 129 -14.45 -9.24 17.96
CA LEU A 129 -15.86 -9.09 17.54
C LEU A 129 -16.03 -8.55 16.12
N GLU A 130 -16.75 -9.33 15.30
CA GLU A 130 -17.07 -8.98 13.92
CA GLU A 130 -17.07 -8.98 13.92
C GLU A 130 -15.85 -8.42 13.15
N ALA A 131 -14.76 -9.18 13.19
CA ALA A 131 -13.48 -8.87 12.58
C ALA A 131 -12.98 -7.47 12.93
N GLY A 132 -12.84 -7.21 14.24
CA GLY A 132 -12.45 -5.90 14.72
C GLY A 132 -13.42 -4.77 14.38
N GLY A 133 -14.71 -5.12 14.36
CA GLY A 133 -15.75 -4.15 14.05
C GLY A 133 -15.94 -3.91 12.57
N ASN A 134 -15.21 -4.62 11.70
CA ASN A 134 -15.42 -4.47 10.25
C ASN A 134 -16.82 -4.88 9.81
N GLY A 135 -17.39 -5.86 10.52
CA GLY A 135 -18.71 -6.39 10.21
C GLY A 135 -19.84 -5.56 10.76
N ILE A 136 -19.55 -4.50 11.49
CA ILE A 136 -20.58 -3.67 12.07
C ILE A 136 -20.89 -2.44 11.19
N ASP A 137 -22.01 -2.47 10.45
CA ASP A 137 -22.40 -1.33 9.60
C ASP A 137 -22.87 -0.17 10.39
N VAL A 138 -22.44 1.03 9.96
CA VAL A 138 -22.84 2.26 10.59
C VAL A 138 -23.08 3.36 9.55
N THR A 139 -23.75 4.41 9.98
CA THR A 139 -23.88 5.63 9.23
C THR A 139 -23.06 6.68 9.88
N TYR A 140 -22.25 7.36 9.07
CA TYR A 140 -21.38 8.42 9.57
C TYR A 140 -21.52 9.64 8.65
N ASP A 141 -22.09 10.72 9.20
CA ASP A 141 -22.39 11.94 8.47
C ASP A 141 -23.11 11.62 7.15
N GLY A 142 -24.11 10.77 7.23
CA GLY A 142 -24.91 10.40 6.07
C GLY A 142 -24.34 9.28 5.21
N GLU A 143 -23.07 8.90 5.39
CA GLU A 143 -22.40 7.85 4.58
CA GLU A 143 -22.47 7.86 4.57
C GLU A 143 -22.49 6.48 5.27
N THR A 144 -22.71 5.44 4.49
CA THR A 144 -22.70 4.11 5.02
C THR A 144 -21.27 3.63 5.04
N THR A 145 -20.85 3.07 6.17
CA THR A 145 -19.48 2.56 6.32
C THR A 145 -19.52 1.50 7.44
N ASN A 146 -18.42 1.29 8.15
CA ASN A 146 -18.45 0.35 9.27
C ASN A 146 -17.70 0.91 10.45
N LEU A 147 -17.88 0.27 11.60
CA LEU A 147 -17.39 0.83 12.86
C LEU A 147 -15.86 0.87 12.88
N HIS A 148 -15.23 -0.16 12.34
CA HIS A 148 -13.79 -0.19 12.30
C HIS A 148 -13.28 1.03 11.48
N HIS A 149 -13.93 1.25 10.34
CA HIS A 149 -13.53 2.33 9.43
C HIS A 149 -13.63 3.71 10.01
N ILE A 150 -14.67 3.95 10.78
CA ILE A 150 -14.79 5.28 11.42
C ILE A 150 -13.70 5.53 12.48
N TRP A 151 -13.32 4.48 13.22
CA TRP A 151 -12.20 4.60 14.16
C TRP A 151 -10.84 4.81 13.43
N ASP A 152 -10.66 4.11 12.32
CA ASP A 152 -9.41 4.19 11.57
C ASP A 152 -9.25 5.57 10.88
N THR A 153 -10.35 6.08 10.33
CA THR A 153 -10.31 7.07 9.25
C THR A 153 -11.29 8.24 9.42
N ASN A 154 -12.58 7.96 9.41
CA ASN A 154 -13.56 9.05 9.41
C ASN A 154 -13.37 9.99 10.57
N MET A 155 -13.23 9.44 11.77
CA MET A 155 -13.20 10.32 12.95
C MET A 155 -11.88 11.04 13.10
N PRO A 156 -10.74 10.33 12.98
CA PRO A 156 -9.49 11.07 13.01
C PRO A 156 -9.32 12.17 11.93
N GLU A 157 -9.74 11.88 10.69
CA GLU A 157 -9.73 12.88 9.61
C GLU A 157 -10.62 14.09 9.98
N GLU A 158 -11.80 13.83 10.52
CA GLU A 158 -12.67 14.90 10.94
C GLU A 158 -11.96 15.74 12.01
N ALA A 159 -11.34 15.08 12.98
CA ALA A 159 -10.69 15.79 14.07
C ALA A 159 -9.49 16.59 13.57
N ALA A 160 -8.71 15.98 12.69
CA ALA A 160 -7.51 16.65 12.15
C ALA A 160 -7.83 17.76 11.13
N GLY A 161 -9.03 17.71 10.56
CA GLY A 161 -9.44 18.62 9.49
C GLY A 161 -8.85 18.30 8.12
N GLY A 162 -8.63 17.03 7.83
CA GLY A 162 -8.09 16.61 6.55
C GLY A 162 -7.40 15.27 6.66
N TYR A 163 -6.66 14.95 5.61
CA TYR A 163 -6.05 13.62 5.46
C TYR A 163 -4.66 13.59 4.87
N SER A 164 -4.16 14.73 4.44
CA SER A 164 -2.91 14.81 3.72
C SER A 164 -1.79 14.70 4.73
N LEU A 165 -0.60 14.48 4.20
CA LEU A 165 0.56 14.40 5.01
C LEU A 165 0.83 15.70 5.81
N SER A 166 0.54 16.85 5.19
CA SER A 166 0.79 18.11 5.87
C SER A 166 -0.24 18.37 7.00
N VAL A 167 -1.47 17.94 6.79
CA VAL A 167 -2.47 17.92 7.88
C VAL A 167 -2.02 17.01 9.05
N ALA A 168 -1.46 15.84 8.70
CA ALA A 168 -0.95 14.89 9.68
C ALA A 168 0.15 15.53 10.52
N LYS A 169 0.99 16.31 9.86
CA LYS A 169 2.10 16.96 10.56
C LYS A 169 1.57 18.00 11.52
N THR A 170 0.58 18.76 11.09
CA THR A 170 -0.04 19.76 11.99
C THR A 170 -0.77 19.09 13.21
N TYR A 171 -1.45 17.97 12.95
CA TYR A 171 -2.13 17.23 14.01
C TYR A 171 -1.11 16.66 14.98
N ALA A 172 -0.04 16.08 14.45
CA ALA A 172 1.06 15.59 15.25
C ALA A 172 1.62 16.67 16.19
N ASP A 173 1.85 17.86 15.64
CA ASP A 173 2.43 18.94 16.43
C ASP A 173 1.46 19.41 17.53
N LEU A 174 0.17 19.45 17.24
CA LEU A 174 -0.82 19.70 18.27
C LEU A 174 -0.71 18.69 19.45
N LEU A 175 -0.71 17.41 19.12
CA LEU A 175 -0.67 16.34 20.11
C LEU A 175 0.66 16.32 20.83
N THR A 176 1.72 16.62 20.10
CA THR A 176 3.07 16.67 20.68
C THR A 176 3.17 17.74 21.80
N GLU A 177 2.56 18.89 21.53
CA GLU A 177 2.53 19.97 22.51
C GLU A 177 1.69 19.57 23.75
N ARG A 178 0.61 18.85 23.53
CA ARG A 178 -0.14 18.29 24.63
C ARG A 178 0.71 17.41 25.55
N ILE A 179 1.61 16.62 24.95
CA ILE A 179 2.53 15.80 25.71
C ILE A 179 3.60 16.64 26.46
N LYS A 180 4.22 17.57 25.76
CA LYS A 180 5.34 18.32 26.37
C LYS A 180 4.90 19.30 27.47
N THR A 181 3.85 20.07 27.20
CA THR A 181 3.43 21.13 28.14
C THR A 181 1.93 21.20 28.44
N GLY A 182 1.09 20.44 27.74
CA GLY A 182 -0.37 20.59 27.84
C GLY A 182 -1.05 19.48 28.63
N THR A 183 -2.24 19.12 28.20
CA THR A 183 -3.08 18.16 28.92
C THR A 183 -2.57 16.72 29.12
N TYR A 184 -1.58 16.30 28.34
CA TYR A 184 -0.97 14.97 28.54
C TYR A 184 0.32 15.01 29.35
N SER A 185 0.84 16.20 29.70
CA SER A 185 2.19 16.26 30.32
C SER A 185 2.30 15.56 31.67
N SER A 186 1.24 15.57 32.47
N SER A 186 1.24 15.59 32.46
CA SER A 186 1.21 14.82 33.75
CA SER A 186 1.21 14.80 33.68
C SER A 186 0.87 13.32 33.62
C SER A 186 1.39 13.37 33.20
N LYS A 187 0.41 12.89 32.44
CA LYS A 187 0.24 11.46 32.14
C LYS A 187 1.40 10.74 31.47
N LYS A 188 2.16 11.48 30.66
CA LYS A 188 3.21 10.84 29.83
C LYS A 188 4.28 10.05 30.59
N ASP A 189 4.56 10.37 31.86
CA ASP A 189 5.55 9.56 32.63
C ASP A 189 5.10 8.10 32.85
N SER A 190 3.79 7.93 32.92
CA SER A 190 3.24 6.60 33.03
C SER A 190 3.22 5.85 31.68
N TRP A 191 3.45 6.56 30.58
CA TRP A 191 3.25 5.98 29.21
C TRP A 191 4.29 4.95 28.80
N THR A 192 5.44 4.97 29.45
CA THR A 192 6.48 3.99 29.19
C THR A 192 6.68 3.06 30.37
N ASP A 193 5.74 3.04 31.32
CA ASP A 193 5.80 2.01 32.39
C ASP A 193 5.84 0.57 31.85
N GLY A 194 6.79 -0.18 32.38
CA GLY A 194 6.99 -1.57 31.97
C GLY A 194 7.69 -1.84 30.65
N ILE A 195 8.14 -0.81 29.94
CA ILE A 195 8.76 -1.01 28.67
C ILE A 195 10.08 -1.81 28.85
N ASP A 196 10.26 -2.85 28.06
CA ASP A 196 11.39 -3.72 28.19
C ASP A 196 11.76 -4.24 26.77
N ILE A 197 12.92 -3.76 26.27
CA ILE A 197 13.44 -4.14 24.96
C ILE A 197 13.70 -5.63 24.86
N LYS A 198 13.95 -6.27 26.01
CA LYS A 198 14.22 -7.71 25.99
C LYS A 198 12.96 -8.54 26.09
N ASP A 199 11.80 -7.90 26.12
CA ASP A 199 10.56 -8.64 26.23
C ASP A 199 9.47 -7.91 25.39
N PRO A 200 9.62 -7.98 24.06
CA PRO A 200 8.66 -7.33 23.16
C PRO A 200 7.22 -7.81 23.33
N VAL A 201 7.02 -9.08 23.64
CA VAL A 201 5.66 -9.59 23.89
C VAL A 201 4.99 -8.89 25.07
N SER A 202 5.66 -8.92 26.23
CA SER A 202 5.13 -8.21 27.40
C SER A 202 4.94 -6.76 27.10
N THR A 203 5.94 -6.13 26.47
CA THR A 203 5.86 -4.71 26.27
C THR A 203 4.64 -4.33 25.39
N SER A 204 4.51 -4.98 24.24
CA SER A 204 3.44 -4.64 23.31
C SER A 204 2.06 -5.05 23.88
N MET A 205 2.05 -6.09 24.70
CA MET A 205 0.81 -6.49 25.42
C MET A 205 0.30 -5.42 26.37
N ILE A 206 1.19 -4.65 27.00
CA ILE A 206 0.75 -3.51 27.81
C ILE A 206 -0.07 -2.55 26.97
N TRP A 207 0.48 -2.27 25.76
CA TRP A 207 -0.14 -1.29 24.88
C TRP A 207 -1.45 -1.80 24.33
N ALA A 208 -1.47 -3.03 23.91
CA ALA A 208 -2.69 -3.67 23.39
C ALA A 208 -3.80 -3.68 24.47
N ALA A 209 -3.43 -4.10 25.68
CA ALA A 209 -4.40 -4.12 26.82
C ALA A 209 -4.98 -2.73 27.07
N ASP A 210 -4.10 -1.72 27.02
CA ASP A 210 -4.50 -0.38 27.25
C ASP A 210 -5.54 0.09 26.22
N ALA A 211 -5.21 -0.07 24.92
CA ALA A 211 -6.17 0.28 23.87
C ALA A 211 -7.48 -0.53 24.01
N ASN A 212 -7.32 -1.80 24.29
CA ASN A 212 -8.48 -2.70 24.46
C ASN A 212 -9.49 -2.23 25.52
N THR A 213 -9.05 -1.60 26.59
CA THR A 213 -9.99 -1.18 27.60
C THR A 213 -11.02 -0.22 27.02
N TYR A 214 -10.60 0.56 26.01
CA TYR A 214 -11.48 1.50 25.36
C TYR A 214 -12.57 0.86 24.50
N VAL A 215 -12.37 -0.37 24.07
CA VAL A 215 -13.43 -1.10 23.39
C VAL A 215 -14.69 -1.15 24.30
N CYS A 216 -14.47 -1.43 25.59
CA CYS A 216 -15.57 -1.44 26.59
C CYS A 216 -16.03 -0.06 27.00
N SER A 217 -15.10 0.82 27.28
CA SER A 217 -15.45 2.10 27.85
C SER A 217 -16.08 3.05 26.84
N THR A 218 -15.72 2.91 25.56
CA THR A 218 -15.93 3.97 24.57
C THR A 218 -16.48 3.48 23.24
N VAL A 219 -15.88 2.47 22.66
CA VAL A 219 -16.24 2.02 21.37
C VAL A 219 -17.65 1.43 21.36
N LEU A 220 -17.90 0.53 22.30
CA LEU A 220 -19.10 -0.32 22.28
C LEU A 220 -20.04 -0.10 23.47
N ASP A 221 -19.74 0.79 24.38
CA ASP A 221 -20.56 0.91 25.60
C ASP A 221 -22.03 1.32 25.35
N ASP A 222 -22.30 2.00 24.26
CA ASP A 222 -23.70 2.40 23.90
C ASP A 222 -24.54 1.23 23.48
N GLY A 223 -23.86 0.18 23.05
CA GLY A 223 -24.50 -1.05 22.64
C GLY A 223 -24.72 -1.08 21.11
N LEU A 224 -24.83 -2.28 20.58
CA LEU A 224 -24.99 -2.46 19.16
C LEU A 224 -26.29 -1.91 18.54
N ALA A 225 -27.38 -1.83 19.31
CA ALA A 225 -28.63 -1.29 18.76
C ALA A 225 -28.46 0.21 18.51
N TYR A 226 -27.92 0.94 19.48
CA TYR A 226 -27.59 2.36 19.31
C TYR A 226 -26.68 2.59 18.08
N ILE A 227 -25.62 1.79 18.00
CA ILE A 227 -24.63 1.92 16.97
C ILE A 227 -25.21 1.65 15.55
N ASN A 228 -26.16 0.72 15.43
CA ASN A 228 -26.90 0.39 14.21
C ASN A 228 -27.82 1.49 13.73
N SER A 229 -28.24 2.34 14.62
CA SER A 229 -29.42 3.15 14.36
C SER A 229 -29.21 4.63 14.58
N THR A 230 -27.97 5.05 14.81
CA THR A 230 -27.68 6.43 15.06
C THR A 230 -26.53 6.89 14.18
N ASP A 231 -26.63 8.11 13.69
CA ASP A 231 -25.50 8.69 12.94
C ASP A 231 -24.39 8.99 13.96
N LEU A 232 -23.25 8.35 13.75
CA LEU A 232 -22.14 8.41 14.72
C LEU A 232 -21.24 9.65 14.65
N SER A 233 -21.53 10.58 13.71
CA SER A 233 -20.80 11.88 13.68
C SER A 233 -21.27 12.88 14.72
N GLY A 234 -22.30 12.52 15.49
CA GLY A 234 -22.79 13.37 16.57
C GLY A 234 -22.10 13.10 17.90
N GLU A 235 -22.88 12.73 18.90
CA GLU A 235 -22.33 12.51 20.24
C GLU A 235 -21.26 11.42 20.31
N TYR A 236 -21.39 10.43 19.45
CA TYR A 236 -20.45 9.30 19.45
C TYR A 236 -19.04 9.83 19.10
N TYR A 237 -18.96 10.62 18.04
CA TYR A 237 -17.74 11.33 17.70
C TYR A 237 -17.21 12.18 18.85
N ASP A 238 -18.10 12.94 19.47
CA ASP A 238 -17.69 13.89 20.53
C ASP A 238 -17.00 13.19 21.69
N LYS A 239 -17.54 12.04 22.09
CA LYS A 239 -16.90 11.29 23.18
C LYS A 239 -15.72 10.41 22.66
N SER A 240 -15.71 10.07 21.38
CA SER A 240 -14.58 9.30 20.80
C SER A 240 -13.28 10.12 20.64
N GLN A 241 -13.42 11.38 20.25
CA GLN A 241 -12.26 12.21 19.94
C GLN A 241 -11.16 12.26 20.99
N PRO A 242 -11.50 12.63 22.25
CA PRO A 242 -10.46 12.63 23.26
C PRO A 242 -9.77 11.28 23.46
N VAL A 243 -10.49 10.19 23.26
CA VAL A 243 -9.90 8.87 23.40
C VAL A 243 -8.92 8.55 22.25
N PHE A 244 -9.35 8.67 20.99
CA PHE A 244 -8.37 8.44 19.90
C PHE A 244 -7.20 9.44 19.87
N GLU A 245 -7.43 10.66 20.32
CA GLU A 245 -6.33 11.62 20.35
C GLU A 245 -5.27 11.22 21.34
N GLU A 246 -5.71 10.80 22.53
CA GLU A 246 -4.76 10.38 23.52
C GLU A 246 -4.05 9.10 23.09
N LEU A 247 -4.77 8.19 22.47
CA LEU A 247 -4.17 6.93 22.04
C LEU A 247 -3.14 7.12 20.88
N ILE A 248 -3.42 8.08 19.98
CA ILE A 248 -2.46 8.44 18.92
C ILE A 248 -1.22 9.05 19.52
N ALA A 249 -1.41 9.90 20.51
CA ALA A 249 -0.30 10.51 21.23
C ALA A 249 0.58 9.49 21.91
N LYS A 250 -0.07 8.56 22.61
CA LYS A 250 0.64 7.44 23.25
C LYS A 250 1.41 6.61 22.26
N ALA A 251 0.75 6.27 21.15
CA ALA A 251 1.39 5.47 20.13
C ALA A 251 2.69 6.12 19.63
N GLY A 252 2.62 7.39 19.29
CA GLY A 252 3.83 8.15 18.91
C GLY A 252 4.95 8.16 19.94
N TYR A 253 4.55 8.39 21.20
CA TYR A 253 5.53 8.52 22.30
C TYR A 253 6.17 7.18 22.58
N ARG A 254 5.34 6.13 22.58
CA ARG A 254 5.84 4.78 22.78
C ARG A 254 6.70 4.25 21.62
N LEU A 255 6.25 4.55 20.40
CA LEU A 255 7.07 4.26 19.20
C LEU A 255 8.48 4.90 19.33
N ALA A 256 8.51 6.18 19.70
CA ALA A 256 9.84 6.87 19.92
C ALA A 256 10.68 6.15 20.96
N ALA A 257 10.05 5.78 22.10
CA ALA A 257 10.80 5.11 23.18
C ALA A 257 11.37 3.78 22.70
N TRP A 258 10.55 3.05 21.93
CA TRP A 258 10.95 1.74 21.43
C TRP A 258 12.08 1.86 20.41
N LEU A 259 11.95 2.82 19.49
CA LEU A 259 13.00 3.12 18.52
C LEU A 259 14.33 3.51 19.19
N ASP A 260 14.26 4.37 20.19
CA ASP A 260 15.48 4.71 21.00
C ASP A 260 16.14 3.48 21.54
N LEU A 261 15.33 2.56 22.10
CA LEU A 261 15.91 1.33 22.63
C LEU A 261 16.55 0.48 21.57
N ILE A 262 15.86 0.32 20.46
CA ILE A 262 16.39 -0.53 19.38
C ILE A 262 17.71 0.06 18.85
N ALA A 263 17.70 1.36 18.68
CA ALA A 263 18.87 2.08 18.07
C ALA A 263 20.08 2.12 19.00
N SER A 264 19.87 1.95 20.29
CA SER A 264 20.95 2.10 21.22
C SER A 264 21.62 0.79 21.59
N GLN A 265 21.31 -0.33 20.94
CA GLN A 265 22.01 -1.56 21.31
C GLN A 265 23.47 -1.53 20.90
N PRO A 266 24.38 -1.92 21.82
CA PRO A 266 25.80 -1.84 21.42
C PRO A 266 26.19 -2.90 20.37
N SER A 267 27.18 -2.59 19.55
CA SER A 267 27.79 -3.52 18.54
C SER A 267 29.19 -3.03 18.08
N TRP B 1 5.70 -1.62 -20.54
CA TRP B 1 5.60 -2.65 -21.56
C TRP B 1 5.65 -2.01 -22.93
N GLY B 2 5.99 -2.84 -23.90
CA GLY B 2 5.83 -2.52 -25.33
C GLY B 2 4.36 -2.66 -25.71
N ASN B 3 4.12 -2.56 -27.00
CA ASN B 3 2.72 -2.57 -27.50
C ASN B 3 1.93 -3.84 -27.13
N LEU B 4 2.54 -4.97 -27.35
CA LEU B 4 1.90 -6.26 -27.06
C LEU B 4 1.43 -6.32 -25.60
N GLY B 5 2.33 -5.99 -24.67
CA GLY B 5 1.96 -6.01 -23.23
C GLY B 5 0.80 -5.13 -22.89
N HIS B 6 0.83 -3.89 -23.37
CA HIS B 6 -0.26 -2.99 -23.12
C HIS B 6 -1.60 -3.43 -23.70
N GLU B 7 -1.55 -3.95 -24.92
CA GLU B 7 -2.78 -4.38 -25.59
C GLU B 7 -3.36 -5.64 -24.89
N THR B 8 -2.45 -6.52 -24.45
CA THR B 8 -2.83 -7.67 -23.65
C THR B 8 -3.53 -7.29 -22.33
N VAL B 9 -2.93 -6.35 -21.61
CA VAL B 9 -3.53 -5.83 -20.37
C VAL B 9 -4.95 -5.28 -20.66
N ALA B 10 -5.06 -4.47 -21.70
CA ALA B 10 -6.33 -3.85 -22.04
C ALA B 10 -7.41 -4.94 -22.40
N TYR B 11 -7.02 -5.93 -23.19
CA TYR B 11 -8.01 -6.96 -23.61
C TYR B 11 -8.48 -7.79 -22.38
N ILE B 12 -7.57 -8.04 -21.46
CA ILE B 12 -7.97 -8.68 -20.20
C ILE B 12 -9.01 -7.83 -19.48
N ALA B 13 -8.72 -6.55 -19.30
CA ALA B 13 -9.63 -5.67 -18.63
C ALA B 13 -11.00 -5.70 -19.30
N GLN B 14 -11.01 -5.65 -20.64
CA GLN B 14 -12.30 -5.69 -21.36
C GLN B 14 -13.09 -6.95 -21.02
N SER B 15 -12.40 -8.07 -20.78
CA SER B 15 -13.07 -9.31 -20.38
C SER B 15 -13.68 -9.30 -18.98
N PHE B 16 -13.30 -8.36 -18.11
CA PHE B 16 -13.78 -8.38 -16.72
C PHE B 16 -14.65 -7.23 -16.32
N VAL B 17 -14.66 -6.15 -17.09
CA VAL B 17 -15.46 -5.00 -16.67
C VAL B 17 -16.97 -5.37 -16.81
N ALA B 18 -17.80 -4.69 -16.05
CA ALA B 18 -19.26 -4.77 -16.19
C ALA B 18 -19.72 -4.10 -17.48
N SER B 19 -20.93 -4.46 -17.93
CA SER B 19 -21.46 -3.92 -19.19
C SER B 19 -21.62 -2.44 -19.11
N SER B 20 -22.05 -1.92 -17.95
CA SER B 20 -22.21 -0.49 -17.82
C SER B 20 -20.86 0.27 -17.83
N THR B 21 -19.81 -0.39 -17.34
CA THR B 21 -18.43 0.15 -17.42
C THR B 21 -17.96 0.23 -18.88
N GLU B 22 -18.20 -0.85 -19.60
CA GLU B 22 -17.91 -0.92 -21.02
C GLU B 22 -18.52 0.27 -21.75
N SER B 23 -19.83 0.52 -21.53
CA SER B 23 -20.50 1.64 -22.22
C SER B 23 -19.91 2.94 -21.83
N PHE B 24 -19.71 3.13 -20.53
CA PHE B 24 -19.07 4.33 -20.00
C PHE B 24 -17.72 4.67 -20.74
N CYS B 25 -16.85 3.66 -20.86
CA CYS B 25 -15.56 3.81 -21.58
C CYS B 25 -15.73 4.04 -23.08
N GLN B 26 -16.57 3.21 -23.72
CA GLN B 26 -16.85 3.37 -25.17
C GLN B 26 -17.34 4.79 -25.49
N ASN B 27 -18.21 5.34 -24.64
CA ASN B 27 -18.71 6.71 -24.82
C ASN B 27 -17.62 7.74 -24.69
N ILE B 28 -16.78 7.62 -23.66
CA ILE B 28 -15.66 8.57 -23.51
C ILE B 28 -14.65 8.53 -24.68
N LEU B 29 -14.36 7.31 -25.12
CA LEU B 29 -13.36 7.07 -26.16
C LEU B 29 -13.88 7.25 -27.57
N GLY B 30 -15.21 7.28 -27.74
CA GLY B 30 -15.85 7.33 -29.07
C GLY B 30 -15.54 6.11 -29.92
N ASP B 31 -15.50 4.95 -29.29
CA ASP B 31 -15.06 3.74 -29.95
C ASP B 31 -15.88 2.64 -29.35
N ASP B 32 -16.76 2.06 -30.13
CA ASP B 32 -17.55 0.96 -29.60
CA ASP B 32 -17.58 0.98 -29.61
C ASP B 32 -17.19 -0.38 -30.21
N SER B 33 -15.97 -0.50 -30.72
CA SER B 33 -15.49 -1.83 -31.18
C SER B 33 -15.23 -2.78 -30.03
N THR B 34 -15.00 -4.03 -30.37
CA THR B 34 -14.59 -4.99 -29.43
C THR B 34 -13.07 -4.81 -29.05
N SER B 35 -12.43 -3.70 -29.46
CA SER B 35 -11.04 -3.42 -29.09
C SER B 35 -10.89 -2.08 -28.43
N TYR B 36 -12.00 -1.56 -27.93
CA TYR B 36 -12.04 -0.17 -27.46
C TYR B 36 -10.89 0.23 -26.47
N LEU B 37 -10.59 -0.59 -25.47
CA LEU B 37 -9.43 -0.31 -24.61
C LEU B 37 -8.09 -0.59 -25.28
N ALA B 38 -8.01 -1.70 -25.98
CA ALA B 38 -6.77 -2.12 -26.61
C ALA B 38 -6.27 -1.08 -27.65
N ASN B 39 -7.23 -0.43 -28.28
CA ASN B 39 -6.96 0.56 -29.33
C ASN B 39 -6.28 1.79 -28.82
N VAL B 40 -6.43 2.08 -27.53
CA VAL B 40 -5.86 3.25 -26.95
C VAL B 40 -4.73 2.95 -25.96
N ALA B 41 -4.37 1.67 -25.80
CA ALA B 41 -3.48 1.21 -24.72
C ALA B 41 -2.03 1.67 -24.88
N THR B 42 -1.64 2.01 -26.09
CA THR B 42 -0.29 2.50 -26.38
C THR B 42 -0.23 3.99 -26.64
N TRP B 43 -1.38 4.64 -26.65
CA TRP B 43 -1.46 6.04 -26.93
C TRP B 43 -0.45 6.89 -26.12
N ALA B 44 -0.36 6.62 -24.84
CA ALA B 44 0.46 7.44 -23.98
C ALA B 44 1.92 7.48 -24.47
N ASN B 45 2.38 6.39 -25.02
CA ASN B 45 3.69 6.28 -25.54
C ASN B 45 3.88 7.17 -26.81
N THR B 46 2.91 7.15 -27.71
CA THR B 46 2.89 8.13 -28.84
C THR B 46 2.91 9.55 -28.38
N TYR B 47 2.07 9.83 -27.39
CA TYR B 47 1.90 11.16 -26.87
C TYR B 47 3.16 11.74 -26.23
N LYS B 48 3.91 10.90 -25.50
CA LYS B 48 5.10 11.39 -24.78
C LYS B 48 6.25 11.91 -25.69
N TYR B 49 6.24 11.48 -26.97
CA TYR B 49 7.19 11.91 -27.99
C TYR B 49 6.77 13.14 -28.83
N THR B 50 5.65 13.74 -28.47
CA THR B 50 5.09 14.91 -29.12
C THR B 50 5.40 16.10 -28.25
N ASP B 51 5.46 17.28 -28.84
CA ASP B 51 5.75 18.50 -28.08
C ASP B 51 4.80 18.67 -26.90
N ALA B 52 3.51 18.54 -27.15
CA ALA B 52 2.49 18.75 -26.10
C ALA B 52 2.58 17.68 -24.98
N GLY B 53 3.00 16.48 -25.31
CA GLY B 53 3.03 15.38 -24.36
C GLY B 53 4.37 15.02 -23.74
N GLU B 54 5.46 15.73 -24.11
CA GLU B 54 6.80 15.44 -23.51
C GLU B 54 6.80 15.46 -21.98
N PHE B 55 6.02 16.39 -21.40
CA PHE B 55 5.91 16.52 -19.96
C PHE B 55 5.44 15.21 -19.27
N SER B 56 4.75 14.37 -20.00
CA SER B 56 4.13 13.17 -19.43
C SER B 56 5.04 11.96 -19.41
N LYS B 57 6.28 12.06 -19.93
CA LYS B 57 7.24 10.94 -19.90
C LYS B 57 7.47 10.31 -18.52
N PRO B 58 7.65 11.11 -17.48
CA PRO B 58 7.82 10.59 -16.10
C PRO B 58 6.59 9.87 -15.52
N TYR B 59 5.42 10.05 -16.14
CA TYR B 59 4.19 9.43 -15.67
C TYR B 59 4.13 7.92 -15.93
N HIS B 60 5.14 7.38 -16.59
CA HIS B 60 5.16 5.95 -16.94
C HIS B 60 5.79 5.03 -15.87
N PHE B 61 6.43 5.64 -14.85
CA PHE B 61 7.24 4.89 -13.91
C PHE B 61 7.34 5.60 -12.55
N ILE B 62 7.79 4.87 -11.57
CA ILE B 62 8.21 5.48 -10.30
C ILE B 62 9.61 4.93 -10.02
N ASP B 63 10.59 5.83 -9.92
CA ASP B 63 11.98 5.44 -9.73
C ASP B 63 12.31 5.10 -8.23
N ALA B 64 11.93 3.91 -7.82
CA ALA B 64 12.15 3.47 -6.47
C ALA B 64 13.66 3.37 -6.12
N GLN B 65 14.07 4.13 -5.11
CA GLN B 65 15.49 4.21 -4.71
C GLN B 65 15.85 3.18 -3.67
N ASP B 66 15.77 1.92 -4.07
CA ASP B 66 15.97 0.78 -3.20
C ASP B 66 17.34 0.10 -3.58
N ASN B 67 17.58 -1.13 -3.19
CA ASN B 67 18.88 -1.80 -3.36
C ASN B 67 18.78 -3.24 -3.82
N PRO B 68 18.22 -3.44 -5.02
CA PRO B 68 17.92 -4.78 -5.49
C PRO B 68 19.20 -5.45 -5.98
N PRO B 69 19.24 -6.76 -5.93
CA PRO B 69 18.16 -7.64 -5.50
C PRO B 69 18.08 -7.93 -4.00
N GLN B 70 18.97 -7.32 -3.21
CA GLN B 70 19.07 -7.61 -1.78
C GLN B 70 17.90 -7.05 -1.01
N SER B 71 17.47 -5.85 -1.39
CA SER B 71 16.37 -5.21 -0.75
C SER B 71 15.54 -4.31 -1.70
N CYS B 72 14.21 -4.48 -1.67
CA CYS B 72 13.29 -3.69 -2.49
C CYS B 72 12.35 -2.87 -1.64
N GLY B 73 11.89 -1.74 -2.17
CA GLY B 73 10.86 -0.96 -1.59
C GLY B 73 10.57 0.29 -2.35
N VAL B 74 9.34 0.76 -2.25
CA VAL B 74 8.90 1.96 -2.88
C VAL B 74 8.39 2.90 -1.78
N ASP B 75 8.87 4.14 -1.80
CA ASP B 75 8.54 5.19 -0.83
C ASP B 75 8.07 6.35 -1.67
N TYR B 76 6.75 6.56 -1.73
CA TYR B 76 6.13 7.54 -2.66
C TYR B 76 6.78 8.94 -2.55
N ASP B 77 6.88 9.47 -1.34
CA ASP B 77 7.45 10.82 -1.12
CA ASP B 77 7.38 10.82 -1.17
C ASP B 77 8.89 10.93 -1.57
N ARG B 78 9.68 9.89 -1.28
CA ARG B 78 11.06 9.87 -1.70
C ARG B 78 11.20 9.69 -3.21
N ASP B 79 10.33 8.87 -3.81
CA ASP B 79 10.59 8.30 -5.14
C ASP B 79 9.85 8.91 -6.32
N CYS B 80 8.71 9.54 -6.07
CA CYS B 80 7.89 10.09 -7.17
CA CYS B 80 7.89 10.10 -7.15
C CYS B 80 8.63 11.21 -7.92
N GLY B 81 9.03 12.23 -7.18
CA GLY B 81 9.84 13.34 -7.71
C GLY B 81 8.98 14.50 -8.12
N SER B 82 9.60 15.64 -8.36
CA SER B 82 8.80 16.86 -8.63
C SER B 82 8.19 16.90 -10.04
N ALA B 83 8.67 16.11 -10.98
CA ALA B 83 8.04 16.02 -12.32
C ALA B 83 6.82 15.05 -12.40
N GLY B 84 6.47 14.41 -11.29
CA GLY B 84 5.40 13.42 -11.25
C GLY B 84 5.91 12.02 -11.60
N CYS B 85 5.00 11.08 -11.45
CA CYS B 85 5.32 9.66 -11.63
C CYS B 85 4.04 8.89 -11.94
N SER B 86 4.18 7.58 -12.19
CA SER B 86 3.00 6.72 -12.44
C SER B 86 1.89 6.91 -11.38
N ILE B 87 2.31 6.98 -10.12
CA ILE B 87 1.37 7.02 -9.01
C ILE B 87 0.63 8.39 -8.99
N SER B 88 1.37 9.49 -9.13
CA SER B 88 0.76 10.80 -9.10
C SER B 88 -0.15 11.01 -10.31
N ALA B 89 0.18 10.37 -11.42
CA ALA B 89 -0.62 10.45 -12.65
C ALA B 89 -1.89 9.64 -12.52
N ILE B 90 -1.82 8.47 -11.91
CA ILE B 90 -3.02 7.70 -11.63
C ILE B 90 -3.99 8.54 -10.76
N GLN B 91 -3.46 9.22 -9.77
CA GLN B 91 -4.30 10.13 -8.96
C GLN B 91 -5.00 11.22 -9.78
N ASN B 92 -4.20 11.95 -10.55
CA ASN B 92 -4.65 13.03 -11.37
C ASN B 92 -5.73 12.60 -12.36
N TYR B 93 -5.42 11.58 -13.15
CA TYR B 93 -6.31 11.13 -14.22
C TYR B 93 -7.55 10.38 -13.71
N THR B 94 -7.41 9.69 -12.58
CA THR B 94 -8.58 9.05 -11.96
C THR B 94 -9.54 10.15 -11.49
N ASN B 95 -9.01 11.16 -10.82
CA ASN B 95 -9.83 12.24 -10.31
C ASN B 95 -10.53 13.04 -11.39
N ILE B 96 -9.85 13.31 -12.50
CA ILE B 96 -10.46 13.91 -13.66
C ILE B 96 -11.68 13.10 -14.09
N LEU B 97 -11.51 11.79 -14.15
CA LEU B 97 -12.60 10.95 -14.60
C LEU B 97 -13.76 10.85 -13.59
N LEU B 98 -13.44 11.03 -12.30
CA LEU B 98 -14.45 11.04 -11.25
C LEU B 98 -15.22 12.34 -11.23
N GLU B 99 -14.51 13.45 -11.41
CA GLU B 99 -15.11 14.78 -11.25
C GLU B 99 -15.75 15.31 -12.54
N SER B 100 -15.24 14.87 -13.69
CA SER B 100 -15.56 15.45 -15.00
C SER B 100 -15.51 14.45 -16.13
N PRO B 101 -16.27 13.37 -16.02
CA PRO B 101 -16.21 12.38 -17.07
C PRO B 101 -16.68 12.88 -18.45
N ASN B 102 -17.40 14.00 -18.49
CA ASN B 102 -17.95 14.55 -19.75
C ASN B 102 -17.15 15.72 -20.27
N GLY B 103 -16.17 16.16 -19.50
CA GLY B 103 -15.33 17.28 -19.91
C GLY B 103 -14.31 16.88 -20.96
N SER B 104 -13.55 17.88 -21.38
CA SER B 104 -12.60 17.73 -22.48
C SER B 104 -11.32 16.93 -22.10
N GLU B 105 -11.04 16.85 -20.80
CA GLU B 105 -9.88 16.12 -20.32
C GLU B 105 -10.16 14.60 -20.16
N ALA B 106 -11.41 14.14 -20.24
CA ALA B 106 -11.71 12.74 -19.91
C ALA B 106 -11.08 11.72 -20.87
N LEU B 107 -11.12 12.05 -22.16
CA LEU B 107 -10.60 11.17 -23.16
C LEU B 107 -9.12 10.82 -22.85
N ASN B 108 -8.28 11.85 -22.70
CA ASN B 108 -6.85 11.59 -22.46
C ASN B 108 -6.63 10.92 -21.08
N ALA B 109 -7.40 11.36 -20.10
CA ALA B 109 -7.35 10.74 -18.75
C ALA B 109 -7.63 9.23 -18.79
N LEU B 110 -8.62 8.80 -19.57
CA LEU B 110 -8.93 7.38 -19.68
C LEU B 110 -7.82 6.62 -20.41
N LYS B 111 -7.28 7.23 -21.48
CA LYS B 111 -6.17 6.60 -22.17
C LYS B 111 -4.91 6.46 -21.26
N PHE B 112 -4.66 7.47 -20.47
CA PHE B 112 -3.56 7.41 -19.50
C PHE B 112 -3.73 6.27 -18.47
N VAL B 113 -4.92 6.18 -17.91
CA VAL B 113 -5.23 5.14 -16.86
C VAL B 113 -5.02 3.73 -17.44
N VAL B 114 -5.53 3.52 -18.66
CA VAL B 114 -5.39 2.24 -19.30
C VAL B 114 -3.89 1.90 -19.45
N HIS B 115 -3.11 2.86 -19.95
CA HIS B 115 -1.67 2.62 -20.19
C HIS B 115 -0.90 2.43 -18.91
N ILE B 116 -1.12 3.36 -17.99
CA ILE B 116 -0.29 3.45 -16.82
C ILE B 116 -0.53 2.31 -15.79
N ILE B 117 -1.78 1.86 -15.63
CA ILE B 117 -2.00 0.68 -14.83
C ILE B 117 -1.19 -0.48 -15.39
N GLY B 118 -1.12 -0.61 -16.74
CA GLY B 118 -0.26 -1.61 -17.34
C GLY B 118 1.21 -1.43 -16.94
N ASP B 119 1.71 -0.22 -17.12
CA ASP B 119 3.15 0.07 -16.87
C ASP B 119 3.57 -0.17 -15.42
N ILE B 120 2.71 0.19 -14.49
CA ILE B 120 2.98 -0.05 -13.05
C ILE B 120 3.36 -1.51 -12.77
N HIS B 121 2.69 -2.42 -13.48
CA HIS B 121 2.90 -3.85 -13.31
C HIS B 121 4.15 -4.40 -13.96
N GLN B 122 4.88 -3.57 -14.72
CA GLN B 122 6.15 -3.97 -15.28
C GLN B 122 7.18 -3.62 -14.17
N PRO B 123 7.83 -4.65 -13.54
CA PRO B 123 8.63 -4.39 -12.34
C PRO B 123 9.71 -3.29 -12.51
N LEU B 124 10.36 -3.22 -13.67
CA LEU B 124 11.39 -2.21 -13.93
C LEU B 124 10.86 -0.81 -14.13
N HIS B 125 9.52 -0.68 -14.17
CA HIS B 125 8.85 0.61 -14.08
C HIS B 125 8.64 1.05 -12.62
N ASP B 126 9.15 0.26 -11.68
CA ASP B 126 9.08 0.63 -10.25
C ASP B 126 10.48 0.49 -9.61
N GLU B 127 11.51 1.02 -10.31
CA GLU B 127 12.88 0.81 -9.95
C GLU B 127 13.80 1.90 -10.56
N ASN B 128 14.57 2.54 -9.70
CA ASN B 128 15.48 3.62 -10.14
C ASN B 128 16.75 3.13 -10.86
N LEU B 129 17.30 1.99 -10.41
CA LEU B 129 18.64 1.49 -10.83
C LEU B 129 18.84 1.54 -12.38
N GLU B 130 19.87 2.31 -12.78
CA GLU B 130 20.24 2.49 -14.19
C GLU B 130 19.04 2.78 -15.08
N ALA B 131 18.30 3.81 -14.69
CA ALA B 131 17.10 4.27 -15.37
C ALA B 131 16.10 3.12 -15.63
N GLY B 132 15.67 2.45 -14.56
CA GLY B 132 14.76 1.31 -14.69
C GLY B 132 15.32 0.16 -15.52
N GLY B 133 16.62 -0.05 -15.40
CA GLY B 133 17.30 -1.08 -16.13
C GLY B 133 17.58 -0.73 -17.60
N ASN B 134 17.19 0.44 -18.07
CA ASN B 134 17.48 0.85 -19.44
C ASN B 134 18.99 0.93 -19.70
N GLY B 135 19.78 1.23 -18.66
CA GLY B 135 21.25 1.33 -18.76
C GLY B 135 22.01 0.03 -18.58
N ILE B 136 21.29 -1.07 -18.34
CA ILE B 136 21.93 -2.40 -18.19
C ILE B 136 21.92 -3.14 -19.52
N ASP B 137 23.07 -3.21 -20.16
CA ASP B 137 23.23 -3.95 -21.41
C ASP B 137 23.14 -5.44 -21.20
N VAL B 138 22.41 -6.10 -22.08
CA VAL B 138 22.30 -7.53 -22.06
C VAL B 138 22.36 -8.10 -23.50
N THR B 139 22.54 -9.40 -23.60
CA THR B 139 22.39 -10.11 -24.84
C THR B 139 21.13 -10.92 -24.77
N TYR B 140 20.30 -10.81 -25.80
CA TYR B 140 19.09 -11.55 -25.89
C TYR B 140 19.05 -12.21 -27.27
N ASP B 141 19.10 -13.54 -27.28
CA ASP B 141 19.13 -14.32 -28.52
C ASP B 141 20.16 -13.78 -29.54
N GLY B 142 21.35 -13.55 -29.07
CA GLY B 142 22.44 -13.04 -29.92
C GLY B 142 22.47 -11.53 -30.16
N GLU B 143 21.40 -10.80 -29.86
CA GLU B 143 21.37 -9.34 -30.05
C GLU B 143 21.73 -8.57 -28.75
N THR B 144 22.46 -7.47 -28.89
CA THR B 144 22.66 -6.55 -27.79
C THR B 144 21.47 -5.62 -27.61
N THR B 145 20.96 -5.55 -26.37
CA THR B 145 19.80 -4.71 -26.02
C THR B 145 19.97 -4.31 -24.57
N ASN B 146 18.89 -4.03 -23.86
CA ASN B 146 19.03 -3.76 -22.40
C ASN B 146 17.97 -4.50 -21.60
N LEU B 147 18.17 -4.54 -20.27
CA LEU B 147 17.35 -5.32 -19.40
C LEU B 147 15.92 -4.80 -19.40
N HIS B 148 15.72 -3.50 -19.42
CA HIS B 148 14.39 -2.96 -19.42
C HIS B 148 13.63 -3.40 -20.70
N HIS B 149 14.34 -3.28 -21.80
CA HIS B 149 13.78 -3.62 -23.12
C HIS B 149 13.29 -5.06 -23.22
N ILE B 150 14.06 -6.00 -22.66
CA ILE B 150 13.62 -7.39 -22.68
C ILE B 150 12.39 -7.67 -21.82
N TRP B 151 12.26 -6.98 -20.68
CA TRP B 151 11.03 -7.03 -19.90
C TRP B 151 9.82 -6.39 -20.63
N ASP B 152 10.05 -5.29 -21.33
CA ASP B 152 8.93 -4.59 -21.97
C ASP B 152 8.44 -5.36 -23.20
N THR B 153 9.39 -5.93 -23.93
CA THR B 153 9.22 -6.29 -25.33
C THR B 153 9.72 -7.70 -25.70
N ASN B 154 11.02 -7.92 -25.62
CA ASN B 154 11.59 -9.16 -26.16
C ASN B 154 10.92 -10.41 -25.54
N MET B 155 10.81 -10.42 -24.21
CA MET B 155 10.31 -11.61 -23.54
C MET B 155 8.84 -11.79 -23.73
N PRO B 156 8.02 -10.73 -23.47
CA PRO B 156 6.59 -10.93 -23.71
C PRO B 156 6.24 -11.32 -25.15
N GLU B 157 6.91 -10.72 -26.14
CA GLU B 157 6.68 -11.07 -27.55
C GLU B 157 7.08 -12.55 -27.85
N GLU B 158 8.20 -12.97 -27.29
CA GLU B 158 8.63 -14.37 -27.41
C GLU B 158 7.56 -15.29 -26.82
N ALA B 159 7.09 -14.96 -25.62
CA ALA B 159 6.08 -15.75 -24.94
C ALA B 159 4.74 -15.80 -25.69
N ALA B 160 4.31 -14.64 -26.17
CA ALA B 160 3.03 -14.56 -26.90
C ALA B 160 3.11 -15.12 -28.32
N GLY B 161 4.32 -15.21 -28.86
CA GLY B 161 4.55 -15.68 -30.23
C GLY B 161 4.30 -14.62 -31.29
N GLY B 162 4.55 -13.37 -30.98
CA GLY B 162 4.34 -12.28 -31.90
C GLY B 162 4.19 -10.94 -31.19
N TYR B 163 3.72 -9.96 -31.94
CA TYR B 163 3.64 -8.58 -31.46
C TYR B 163 2.40 -7.81 -31.86
N SER B 164 1.56 -8.38 -32.71
CA SER B 164 0.43 -7.66 -33.29
C SER B 164 -0.72 -7.55 -32.28
N LEU B 165 -1.72 -6.78 -32.63
CA LEU B 165 -2.92 -6.68 -31.85
C LEU B 165 -3.65 -8.06 -31.69
N SER B 166 -3.67 -8.83 -32.77
CA SER B 166 -4.42 -10.09 -32.75
C SER B 166 -3.67 -11.16 -31.89
N VAL B 167 -2.34 -11.16 -31.94
CA VAL B 167 -1.55 -11.99 -31.04
C VAL B 167 -1.81 -11.56 -29.57
N ALA B 168 -1.88 -10.26 -29.33
CA ALA B 168 -2.24 -9.73 -27.98
C ALA B 168 -3.59 -10.26 -27.49
N LYS B 169 -4.57 -10.28 -28.39
CA LYS B 169 -5.86 -10.72 -28.01
C LYS B 169 -5.79 -12.22 -27.61
N THR B 170 -5.07 -13.01 -28.39
CA THR B 170 -4.97 -14.46 -28.03
C THR B 170 -4.22 -14.68 -26.66
N TYR B 171 -3.20 -13.86 -26.45
CA TYR B 171 -2.45 -13.92 -25.19
C TYR B 171 -3.35 -13.49 -24.03
N ALA B 172 -4.14 -12.47 -24.24
CA ALA B 172 -5.08 -12.01 -23.26
C ALA B 172 -6.06 -13.14 -22.86
N ASP B 173 -6.59 -13.81 -23.87
CA ASP B 173 -7.58 -14.86 -23.62
C ASP B 173 -6.99 -16.03 -22.84
N LEU B 174 -5.74 -16.39 -23.13
CA LEU B 174 -5.04 -17.37 -22.35
C LEU B 174 -5.02 -16.99 -20.87
N LEU B 175 -4.58 -15.77 -20.62
CA LEU B 175 -4.40 -15.26 -19.24
C LEU B 175 -5.72 -15.10 -18.54
N THR B 176 -6.73 -14.68 -19.28
CA THR B 176 -8.07 -14.50 -18.76
C THR B 176 -8.69 -15.84 -18.27
N GLU B 177 -8.46 -16.91 -19.02
CA GLU B 177 -8.87 -18.24 -18.61
C GLU B 177 -8.11 -18.70 -17.34
N ARG B 178 -6.84 -18.36 -17.24
CA ARG B 178 -6.06 -18.69 -16.02
C ARG B 178 -6.68 -18.04 -14.80
N ILE B 179 -7.21 -16.83 -14.97
CA ILE B 179 -7.89 -16.14 -13.90
C ILE B 179 -9.24 -16.82 -13.57
N LYS B 180 -10.04 -17.08 -14.60
CA LYS B 180 -11.39 -17.60 -14.34
C LYS B 180 -11.39 -19.04 -13.77
N THR B 181 -10.57 -19.92 -14.32
CA THR B 181 -10.64 -21.35 -13.96
C THR B 181 -9.32 -22.04 -13.78
N GLY B 182 -8.21 -21.39 -14.14
CA GLY B 182 -6.93 -22.06 -14.17
C GLY B 182 -6.03 -21.68 -13.00
N THR B 183 -4.74 -21.61 -13.28
CA THR B 183 -3.74 -21.41 -12.22
C THR B 183 -3.80 -20.12 -11.40
N TYR B 184 -4.49 -19.08 -11.87
CA TYR B 184 -4.67 -17.87 -11.07
C TYR B 184 -5.97 -17.79 -10.32
N SER B 185 -6.88 -18.77 -10.52
CA SER B 185 -8.25 -18.59 -9.98
C SER B 185 -8.32 -18.53 -8.46
N SER B 186 -7.46 -19.25 -7.76
CA SER B 186 -7.47 -19.10 -6.28
C SER B 186 -6.76 -17.79 -5.83
N LYS B 187 -5.84 -17.26 -6.60
CA LYS B 187 -5.17 -15.99 -6.21
C LYS B 187 -6.00 -14.74 -6.45
N LYS B 188 -6.87 -14.77 -7.47
CA LYS B 188 -7.49 -13.53 -7.97
C LYS B 188 -8.35 -12.77 -6.99
N ASP B 189 -8.94 -13.44 -6.02
CA ASP B 189 -9.76 -12.69 -5.05
CA ASP B 189 -9.74 -12.76 -4.96
C ASP B 189 -8.87 -11.77 -4.16
N SER B 190 -7.61 -12.14 -3.97
CA SER B 190 -6.70 -11.26 -3.25
C SER B 190 -6.18 -10.06 -4.13
N TRP B 191 -6.41 -10.12 -5.46
CA TRP B 191 -5.86 -9.12 -6.39
C TRP B 191 -6.49 -7.75 -6.33
N THR B 192 -7.69 -7.67 -5.79
CA THR B 192 -8.38 -6.41 -5.61
C THR B 192 -8.56 -6.00 -4.16
N ASP B 193 -7.97 -6.73 -3.23
CA ASP B 193 -8.01 -6.33 -1.82
C ASP B 193 -7.24 -5.03 -1.66
N GLY B 194 -7.80 -4.12 -0.88
CA GLY B 194 -7.20 -2.81 -0.64
C GLY B 194 -7.55 -1.72 -1.63
N ILE B 195 -8.23 -2.05 -2.73
CA ILE B 195 -8.56 -1.05 -3.71
C ILE B 195 -9.53 -0.04 -3.10
N ASP B 196 -9.24 1.22 -3.31
CA ASP B 196 -10.05 2.29 -2.76
C ASP B 196 -10.10 3.44 -3.74
N ILE B 197 -11.29 3.62 -4.36
CA ILE B 197 -11.52 4.69 -5.36
C ILE B 197 -11.32 6.09 -4.79
N LYS B 198 -11.45 6.23 -3.46
CA LYS B 198 -11.22 7.54 -2.83
CA LYS B 198 -11.24 7.53 -2.79
C LYS B 198 -9.75 7.79 -2.50
N ASP B 199 -8.89 6.83 -2.77
CA ASP B 199 -7.46 6.97 -2.47
C ASP B 199 -6.60 6.32 -3.59
N PRO B 200 -6.52 7.00 -4.74
CA PRO B 200 -5.75 6.48 -5.85
C PRO B 200 -4.27 6.31 -5.56
N VAL B 201 -3.69 7.18 -4.75
CA VAL B 201 -2.31 7.02 -4.35
C VAL B 201 -2.09 5.72 -3.65
N SER B 202 -2.81 5.52 -2.52
CA SER B 202 -2.67 4.27 -1.74
C SER B 202 -2.93 3.04 -2.59
N THR B 203 -3.97 3.13 -3.44
CA THR B 203 -4.33 2.01 -4.25
C THR B 203 -3.24 1.67 -5.27
N SER B 204 -2.77 2.65 -6.02
CA SER B 204 -1.78 2.35 -7.05
C SER B 204 -0.42 1.96 -6.44
N MET B 205 -0.15 2.48 -5.23
CA MET B 205 1.03 2.10 -4.49
C MET B 205 1.04 0.63 -4.18
N ILE B 206 -0.12 0.01 -3.92
CA ILE B 206 -0.13 -1.46 -3.72
C ILE B 206 0.47 -2.14 -4.96
N TRP B 207 -0.01 -1.70 -6.11
CA TRP B 207 0.33 -2.35 -7.37
C TRP B 207 1.83 -2.12 -7.71
N ALA B 208 2.30 -0.91 -7.49
CA ALA B 208 3.73 -0.60 -7.64
C ALA B 208 4.62 -1.42 -6.69
N ALA B 209 4.22 -1.49 -5.41
CA ALA B 209 4.96 -2.28 -4.44
C ALA B 209 5.01 -3.73 -4.82
N ASP B 210 3.88 -4.25 -5.31
CA ASP B 210 3.73 -5.65 -5.68
C ASP B 210 4.70 -5.95 -6.84
N ALA B 211 4.63 -5.17 -7.91
CA ALA B 211 5.58 -5.37 -9.07
C ALA B 211 7.05 -5.15 -8.61
N ASN B 212 7.27 -4.16 -7.73
CA ASN B 212 8.64 -3.88 -7.20
C ASN B 212 9.27 -5.05 -6.48
N THR B 213 8.47 -5.84 -5.75
CA THR B 213 9.09 -6.99 -5.09
C THR B 213 9.74 -7.96 -6.11
N TYR B 214 9.19 -8.04 -7.32
CA TYR B 214 9.72 -8.91 -8.34
C TYR B 214 11.04 -8.42 -8.96
N VAL B 215 11.34 -7.13 -8.79
CA VAL B 215 12.72 -6.68 -9.09
C VAL B 215 13.75 -7.50 -8.32
N CYS B 216 13.48 -7.67 -7.01
CA CYS B 216 14.33 -8.50 -6.16
C CYS B 216 14.17 -10.00 -6.36
N SER B 217 12.94 -10.50 -6.49
CA SER B 217 12.75 -11.94 -6.55
C SER B 217 13.08 -12.56 -7.93
N THR B 218 12.98 -11.75 -9.01
CA THR B 218 13.02 -12.27 -10.35
C THR B 218 13.92 -11.53 -11.34
N VAL B 219 13.75 -10.21 -11.42
CA VAL B 219 14.44 -9.41 -12.42
C VAL B 219 15.96 -9.43 -12.20
N LEU B 220 16.34 -9.18 -10.96
CA LEU B 220 17.74 -9.02 -10.61
C LEU B 220 18.33 -10.11 -9.71
N ASP B 221 17.56 -11.15 -9.32
CA ASP B 221 18.08 -12.07 -8.29
C ASP B 221 19.30 -12.93 -8.70
N ASP B 222 19.50 -13.18 -9.98
CA ASP B 222 20.70 -13.86 -10.49
C ASP B 222 21.99 -13.04 -10.27
N GLY B 223 21.83 -11.72 -10.13
CA GLY B 223 22.93 -10.81 -9.95
C GLY B 223 23.42 -10.26 -11.28
N LEU B 224 24.00 -9.08 -11.19
CA LEU B 224 24.48 -8.40 -12.39
C LEU B 224 25.58 -9.13 -13.17
N ALA B 225 26.44 -9.91 -12.50
CA ALA B 225 27.49 -10.62 -13.24
C ALA B 225 26.92 -11.66 -14.18
N TYR B 226 25.96 -12.44 -13.69
CA TYR B 226 25.21 -13.35 -14.56
C TYR B 226 24.47 -12.59 -15.70
N ILE B 227 23.71 -11.56 -15.31
CA ILE B 227 22.88 -10.80 -16.23
C ILE B 227 23.64 -10.12 -17.35
N ASN B 228 24.84 -9.61 -17.03
CA ASN B 228 25.55 -8.90 -18.05
C ASN B 228 26.43 -9.84 -18.88
N SER B 229 26.47 -11.12 -18.59
CA SER B 229 27.39 -12.01 -19.31
C SER B 229 26.73 -13.26 -19.89
N THR B 230 25.41 -13.37 -19.81
CA THR B 230 24.71 -14.58 -20.26
C THR B 230 23.62 -14.17 -21.20
N ASP B 231 23.43 -14.96 -22.24
CA ASP B 231 22.27 -14.78 -23.10
C ASP B 231 20.97 -15.07 -22.30
N LEU B 232 20.12 -14.05 -22.18
CA LEU B 232 18.96 -14.11 -21.32
C LEU B 232 17.73 -14.72 -21.97
N SER B 233 17.83 -15.15 -23.24
CA SER B 233 16.74 -15.93 -23.86
C SER B 233 16.68 -17.38 -23.39
N GLY B 234 17.62 -17.81 -22.53
CA GLY B 234 17.64 -19.19 -21.99
C GLY B 234 16.87 -19.33 -20.68
N GLU B 235 17.59 -19.72 -19.63
CA GLU B 235 16.98 -19.89 -18.32
C GLU B 235 16.35 -18.64 -17.72
N TYR B 236 16.90 -17.48 -18.03
CA TYR B 236 16.40 -16.24 -17.49
C TYR B 236 14.97 -15.95 -18.01
N TYR B 237 14.81 -16.13 -19.32
CA TYR B 237 13.50 -16.08 -19.95
C TYR B 237 12.56 -17.12 -19.34
N ASP B 238 13.03 -18.34 -19.17
CA ASP B 238 12.15 -19.41 -18.65
C ASP B 238 11.57 -19.06 -17.30
N LYS B 239 12.40 -18.54 -16.41
CA LYS B 239 11.88 -18.21 -15.08
C LYS B 239 11.15 -16.86 -15.06
N SER B 240 11.44 -16.00 -16.03
CA SER B 240 10.78 -14.67 -16.11
C SER B 240 9.32 -14.80 -16.55
N GLN B 241 9.11 -15.68 -17.52
CA GLN B 241 7.77 -15.82 -18.14
C GLN B 241 6.57 -15.99 -17.20
N PRO B 242 6.61 -16.95 -16.26
CA PRO B 242 5.49 -17.02 -15.32
C PRO B 242 5.27 -15.76 -14.49
N VAL B 243 6.33 -15.00 -14.21
CA VAL B 243 6.17 -13.76 -13.48
C VAL B 243 5.51 -12.67 -14.31
N PHE B 244 6.06 -12.38 -15.50
CA PHE B 244 5.40 -11.35 -16.30
C PHE B 244 4.00 -11.75 -16.73
N GLU B 245 3.76 -13.05 -16.89
CA GLU B 245 2.39 -13.52 -17.25
C GLU B 245 1.41 -13.26 -16.13
N GLU B 246 1.81 -13.56 -14.89
CA GLU B 246 0.93 -13.25 -13.76
C GLU B 246 0.75 -11.76 -13.55
N LEU B 247 1.82 -10.98 -13.73
CA LEU B 247 1.70 -9.50 -13.58
C LEU B 247 0.80 -8.84 -14.64
N ILE B 248 0.88 -9.32 -15.89
CA ILE B 248 0.03 -8.82 -16.94
C ILE B 248 -1.42 -9.18 -16.61
N ALA B 249 -1.63 -10.40 -16.11
CA ALA B 249 -2.97 -10.83 -15.73
C ALA B 249 -3.54 -9.94 -14.64
N LYS B 250 -2.73 -9.72 -13.59
CA LYS B 250 -3.11 -8.82 -12.50
C LYS B 250 -3.42 -7.44 -12.99
N ALA B 251 -2.55 -6.92 -13.85
CA ALA B 251 -2.75 -5.59 -14.35
C ALA B 251 -4.15 -5.45 -15.02
N GLY B 252 -4.46 -6.39 -15.89
CA GLY B 252 -5.79 -6.40 -16.57
C GLY B 252 -6.97 -6.48 -15.63
N TYR B 253 -6.83 -7.37 -14.64
CA TYR B 253 -7.89 -7.59 -13.64
C TYR B 253 -8.09 -6.36 -12.77
N ARG B 254 -6.96 -5.75 -12.36
CA ARG B 254 -7.02 -4.54 -11.57
C ARG B 254 -7.53 -3.33 -12.33
N LEU B 255 -7.05 -3.19 -13.58
CA LEU B 255 -7.55 -2.16 -14.46
C LEU B 255 -9.12 -2.27 -14.56
N ALA B 256 -9.61 -3.47 -14.79
CA ALA B 256 -11.11 -3.68 -14.89
C ALA B 256 -11.80 -3.25 -13.57
N ALA B 257 -11.20 -3.60 -12.43
CA ALA B 257 -11.83 -3.22 -11.15
C ALA B 257 -11.85 -1.74 -10.98
N TRP B 258 -10.74 -1.10 -11.37
CA TRP B 258 -10.63 0.34 -11.22
C TRP B 258 -11.60 1.08 -12.12
N LEU B 259 -11.69 0.63 -13.38
CA LEU B 259 -12.65 1.17 -14.32
C LEU B 259 -14.11 1.00 -13.82
N ASP B 260 -14.45 -0.18 -13.29
CA ASP B 260 -15.78 -0.38 -12.65
C ASP B 260 -16.07 0.65 -11.58
N LEU B 261 -15.08 0.90 -10.75
CA LEU B 261 -15.25 1.95 -9.72
C LEU B 261 -15.42 3.33 -10.29
N ILE B 262 -14.61 3.68 -11.30
CA ILE B 262 -14.69 5.02 -11.90
C ILE B 262 -16.07 5.22 -12.55
N ALA B 263 -16.50 4.20 -13.25
CA ALA B 263 -17.73 4.26 -14.01
C ALA B 263 -18.98 4.30 -13.09
N SER B 264 -18.86 3.88 -11.84
CA SER B 264 -20.03 3.77 -11.01
C SER B 264 -20.28 4.92 -10.02
N GLN B 265 -19.56 6.04 -10.11
CA GLN B 265 -19.68 7.11 -9.08
C GLN B 265 -20.90 7.96 -9.29
#